data_3NJR
#
_entry.id   3NJR
#
_cell.length_a   114.354
_cell.length_b   44.799
_cell.length_c   84.110
_cell.angle_alpha   90.00
_cell.angle_beta   119.75
_cell.angle_gamma   90.00
#
_symmetry.space_group_name_H-M   'C 1 2 1'
#
loop_
_entity.id
_entity.type
_entity.pdbx_description
1 polymer 'Precorrin-6y methylase'
2 non-polymer S-ADENOSYL-L-HOMOCYSTEINE
3 non-polymer GLYCEROL
4 non-polymer 'TETRAETHYLENE GLYCOL'
5 water water
#
_entity_poly.entity_id   1
_entity_poly.type   'polypeptide(L)'
_entity_poly.pdbx_seq_one_letter_code
;MGSSHHHHHHSSGLVPRGSHMSQVPGRPESAFAHDGQITKSPMRALTLAALAPRRGELLWDIGGGSGSVSVEWCLAGGRA
ITIEPRADRIENIQKNIDTYGLSPRMRAVQGTAPAALADLPLPEAVFIGGGGSQALYDRLWEWLAPGTRIVANAVTLESE
TLLTQLHARHGGQLLRIDIAQAEPLGRMRGWSASRPQLQWSGQR
;
_entity_poly.pdbx_strand_id   A,B
#
# COMPACT_ATOMS: atom_id res chain seq x y z
N MET A 21 -2.90 -16.93 -3.07
CA MET A 21 -2.86 -15.49 -3.50
C MET A 21 -3.00 -14.48 -2.37
N SER A 22 -2.37 -13.31 -2.56
CA SER A 22 -2.18 -12.32 -1.51
C SER A 22 -3.44 -11.74 -0.92
N GLN A 23 -3.42 -11.54 0.39
CA GLN A 23 -4.56 -11.09 1.18
C GLN A 23 -4.60 -9.58 1.32
N VAL A 24 -3.73 -8.86 0.61
CA VAL A 24 -3.68 -7.39 0.73
C VAL A 24 -3.61 -6.73 -0.65
N PRO A 25 -3.97 -5.43 -0.72
CA PRO A 25 -3.90 -4.63 -1.94
C PRO A 25 -2.50 -4.60 -2.57
N GLY A 26 -2.42 -4.15 -3.81
CA GLY A 26 -1.15 -4.10 -4.49
C GLY A 26 -0.74 -5.44 -5.06
N ARG A 27 -1.70 -6.28 -5.45
CA ARG A 27 -1.36 -7.53 -6.12
C ARG A 27 -0.80 -7.24 -7.51
N PRO A 28 -0.02 -8.18 -8.08
CA PRO A 28 0.63 -7.86 -9.35
C PRO A 28 -0.38 -7.51 -10.44
N GLU A 29 0.07 -6.75 -11.43
CA GLU A 29 -0.76 -6.28 -12.57
C GLU A 29 -1.21 -7.45 -13.44
N SER A 30 -0.59 -8.61 -13.25
CA SER A 30 -0.97 -9.80 -13.99
C SER A 30 -2.13 -10.56 -13.35
N ALA A 31 -2.59 -10.14 -12.17
CA ALA A 31 -3.74 -10.77 -11.55
C ALA A 31 -5.07 -10.22 -12.10
N PHE A 32 -4.97 -9.36 -13.12
CA PHE A 32 -6.11 -8.66 -13.68
C PHE A 32 -6.03 -8.64 -15.20
N ALA A 33 -7.16 -8.91 -15.85
CA ALA A 33 -7.37 -8.56 -17.24
C ALA A 33 -7.27 -7.05 -17.34
N HIS A 34 -6.40 -6.55 -18.22
CA HIS A 34 -6.28 -5.11 -18.43
C HIS A 34 -5.75 -4.91 -19.82
N ASP A 35 -5.71 -3.66 -20.27
CA ASP A 35 -5.35 -3.36 -21.64
C ASP A 35 -4.13 -2.47 -21.77
N GLY A 36 -3.47 -2.19 -20.66
CA GLY A 36 -2.39 -1.20 -20.65
C GLY A 36 -2.67 0.04 -19.79
N GLN A 37 -3.94 0.29 -19.47
CA GLN A 37 -4.31 1.46 -18.66
C GLN A 37 -4.44 1.21 -17.14
N ILE A 38 -4.08 0.01 -16.70
CA ILE A 38 -4.21 -0.40 -15.29
C ILE A 38 -3.50 0.57 -14.31
N THR A 39 -3.98 0.67 -13.06
CA THR A 39 -3.23 1.31 -11.96
C THR A 39 -2.06 0.40 -11.49
N LYS A 40 -0.84 0.95 -11.44
CA LYS A 40 0.35 0.21 -11.05
C LYS A 40 0.22 -0.32 -9.63
N SER A 41 0.79 -1.49 -9.40
CA SER A 41 0.59 -2.22 -8.16
C SER A 41 0.94 -1.41 -6.86
N PRO A 42 2.12 -0.74 -6.80
CA PRO A 42 2.41 0.06 -5.60
C PRO A 42 1.46 1.26 -5.43
N MET A 43 0.98 1.82 -6.53
CA MET A 43 0.05 2.93 -6.41
C MET A 43 -1.30 2.41 -5.96
N ARG A 44 -1.65 1.21 -6.42
CA ARG A 44 -2.88 0.57 -5.99
C ARG A 44 -2.89 0.28 -4.49
N ALA A 45 -1.74 -0.13 -3.96
CA ALA A 45 -1.63 -0.25 -2.51
C ALA A 45 -1.88 1.08 -1.82
N LEU A 46 -1.28 2.17 -2.31
CA LEU A 46 -1.39 3.46 -1.62
C LEU A 46 -2.82 3.94 -1.59
N THR A 47 -3.47 3.80 -2.74
CA THR A 47 -4.84 4.22 -2.94
C THR A 47 -5.78 3.44 -2.00
N LEU A 48 -5.78 2.12 -2.09
CA LEU A 48 -6.56 1.35 -1.14
C LEU A 48 -6.28 1.68 0.32
N ALA A 49 -5.02 1.94 0.66
CA ALA A 49 -4.73 2.41 2.03
C ALA A 49 -5.51 3.70 2.37
N ALA A 50 -5.56 4.63 1.44
CA ALA A 50 -6.32 5.87 1.61
C ALA A 50 -7.84 5.62 1.64
N LEU A 51 -8.31 4.67 0.81
CA LEU A 51 -9.74 4.37 0.70
C LEU A 51 -10.23 3.72 1.96
N ALA A 52 -9.39 2.83 2.54
CA ALA A 52 -9.63 2.23 3.87
C ALA A 52 -10.96 1.49 3.98
N PRO A 53 -11.19 0.47 3.13
CA PRO A 53 -12.44 -0.33 3.17
C PRO A 53 -12.80 -0.87 4.56
N ARG A 54 -14.06 -0.73 4.99
CA ARG A 54 -14.58 -1.49 6.12
C ARG A 54 -15.58 -2.43 5.47
N ARG A 55 -15.87 -3.53 6.14
CA ARG A 55 -16.76 -4.59 5.62
C ARG A 55 -18.07 -3.99 5.08
N GLY A 56 -18.41 -4.33 3.84
CA GLY A 56 -19.70 -3.98 3.25
C GLY A 56 -19.89 -2.55 2.73
N GLU A 57 -18.92 -1.67 2.99
CA GLU A 57 -18.98 -0.30 2.50
C GLU A 57 -19.05 -0.27 0.98
N LEU A 58 -19.67 0.78 0.45
CA LEU A 58 -19.86 0.91 -1.01
C LEU A 58 -18.84 1.89 -1.59
N LEU A 59 -18.28 1.54 -2.75
CA LEU A 59 -17.36 2.40 -3.51
C LEU A 59 -17.92 2.86 -4.89
N TRP A 60 -17.85 4.16 -5.15
CA TRP A 60 -17.97 4.64 -6.52
C TRP A 60 -16.56 4.70 -7.05
N ASP A 61 -16.27 3.96 -8.11
CA ASP A 61 -14.96 4.01 -8.76
C ASP A 61 -15.12 4.69 -10.10
N ILE A 62 -14.79 5.97 -10.16
CA ILE A 62 -14.90 6.71 -11.41
C ILE A 62 -13.64 6.57 -12.25
N GLY A 63 -13.80 6.16 -13.49
CA GLY A 63 -12.66 5.96 -14.37
C GLY A 63 -12.10 4.56 -14.23
N GLY A 64 -13.01 3.60 -14.13
CA GLY A 64 -12.65 2.21 -13.84
C GLY A 64 -11.45 1.68 -14.58
N GLY A 65 -11.37 1.93 -15.89
CA GLY A 65 -10.29 1.40 -16.68
C GLY A 65 -10.43 -0.11 -16.74
N SER A 66 -9.63 -0.80 -15.96
CA SER A 66 -9.71 -2.25 -15.92
C SER A 66 -10.29 -2.75 -14.59
N GLY A 67 -10.71 -1.80 -13.75
CA GLY A 67 -11.40 -2.07 -12.49
C GLY A 67 -10.57 -2.62 -11.34
N SER A 68 -9.27 -2.42 -11.36
CA SER A 68 -8.41 -3.09 -10.38
C SER A 68 -8.59 -2.57 -8.94
N VAL A 69 -8.83 -1.28 -8.81
CA VAL A 69 -9.09 -0.67 -7.51
C VAL A 69 -10.32 -1.29 -6.86
N SER A 70 -11.38 -1.44 -7.68
CA SER A 70 -12.66 -2.01 -7.25
C SER A 70 -12.50 -3.47 -6.85
N VAL A 71 -11.66 -4.20 -7.59
CA VAL A 71 -11.45 -5.62 -7.33
C VAL A 71 -10.77 -5.75 -5.98
N GLU A 72 -9.65 -5.07 -5.79
CA GLU A 72 -9.03 -5.03 -4.45
C GLU A 72 -9.92 -4.42 -3.32
N TRP A 73 -10.77 -3.44 -3.65
CA TRP A 73 -11.68 -2.89 -2.62
C TRP A 73 -12.66 -3.95 -2.19
N CYS A 74 -13.27 -4.63 -3.17
CA CYS A 74 -14.23 -5.71 -2.91
C CYS A 74 -13.62 -6.97 -2.28
N LEU A 75 -12.37 -7.29 -2.64
CA LEU A 75 -11.63 -8.39 -2.00
C LEU A 75 -11.38 -8.10 -0.53
N ALA A 76 -11.23 -6.82 -0.16
CA ALA A 76 -11.11 -6.46 1.26
C ALA A 76 -12.46 -6.53 2.01
N GLY A 77 -13.55 -6.86 1.31
CA GLY A 77 -14.88 -6.90 1.91
C GLY A 77 -15.91 -5.86 1.44
N GLY A 78 -15.49 -4.83 0.73
CA GLY A 78 -16.44 -3.85 0.21
C GLY A 78 -17.34 -4.34 -0.91
N ARG A 79 -18.25 -3.45 -1.34
CA ARG A 79 -19.02 -3.55 -2.60
C ARG A 79 -18.65 -2.33 -3.45
N ALA A 80 -18.78 -2.43 -4.78
CA ALA A 80 -18.39 -1.33 -5.65
C ALA A 80 -19.24 -1.23 -6.90
N ILE A 81 -19.46 0.01 -7.36
CA ILE A 81 -19.96 0.28 -8.70
C ILE A 81 -18.83 0.96 -9.49
N THR A 82 -18.53 0.43 -10.67
CA THR A 82 -17.36 0.83 -11.45
C THR A 82 -17.80 1.46 -12.76
N ILE A 83 -17.46 2.73 -12.95
CA ILE A 83 -17.94 3.55 -14.06
C ILE A 83 -16.86 3.75 -15.13
N GLU A 84 -17.07 3.21 -16.33
CA GLU A 84 -16.12 3.33 -17.44
C GLU A 84 -16.86 3.52 -18.80
N PRO A 85 -16.47 4.53 -19.62
CA PRO A 85 -17.19 4.69 -20.90
C PRO A 85 -16.85 3.64 -21.93
N ARG A 86 -15.59 3.24 -22.02
CA ARG A 86 -15.13 2.39 -23.12
C ARG A 86 -15.57 0.93 -23.03
N ALA A 87 -16.40 0.51 -23.97
CA ALA A 87 -16.90 -0.85 -24.02
C ALA A 87 -15.81 -1.93 -23.94
N ASP A 88 -14.65 -1.66 -24.55
CA ASP A 88 -13.59 -2.66 -24.58
C ASP A 88 -12.94 -2.80 -23.20
N ARG A 89 -12.88 -1.70 -22.47
CA ARG A 89 -12.33 -1.73 -21.11
C ARG A 89 -13.33 -2.32 -20.12
N ILE A 90 -14.60 -2.00 -20.33
CA ILE A 90 -15.70 -2.62 -19.57
C ILE A 90 -15.61 -4.15 -19.60
N GLU A 91 -15.28 -4.69 -20.77
CA GLU A 91 -15.11 -6.11 -20.95
C GLU A 91 -14.05 -6.70 -20.02
N ASN A 92 -12.93 -5.98 -19.87
CA ASN A 92 -11.89 -6.35 -18.90
C ASN A 92 -12.37 -6.29 -17.44
N ILE A 93 -13.13 -5.25 -17.10
CA ILE A 93 -13.80 -5.14 -15.79
C ILE A 93 -14.68 -6.37 -15.60
N GLN A 94 -15.37 -6.76 -16.65
CA GLN A 94 -16.29 -7.88 -16.54
C GLN A 94 -15.54 -9.17 -16.25
N LYS A 95 -14.40 -9.35 -16.91
CA LYS A 95 -13.58 -10.54 -16.69
C LYS A 95 -13.09 -10.63 -15.24
N ASN A 96 -12.75 -9.48 -14.67
CA ASN A 96 -12.23 -9.44 -13.30
C ASN A 96 -13.33 -9.68 -12.30
N ILE A 97 -14.53 -9.21 -12.63
CA ILE A 97 -15.70 -9.57 -11.85
C ILE A 97 -15.84 -11.11 -11.89
N ASP A 98 -15.90 -11.68 -13.10
CA ASP A 98 -15.96 -13.15 -13.29
C ASP A 98 -14.88 -13.91 -12.54
N THR A 99 -13.62 -13.61 -12.85
CA THR A 99 -12.46 -14.28 -12.25
C THR A 99 -12.59 -14.46 -10.76
N TYR A 100 -12.94 -13.37 -10.07
CA TYR A 100 -12.91 -13.31 -8.62
C TYR A 100 -14.27 -13.55 -7.98
N GLY A 101 -15.24 -13.95 -8.80
CA GLY A 101 -16.59 -14.22 -8.35
C GLY A 101 -17.14 -13.09 -7.50
N LEU A 102 -17.05 -11.88 -8.05
CA LEU A 102 -17.48 -10.67 -7.36
C LEU A 102 -18.84 -10.10 -7.82
N SER A 103 -19.56 -10.81 -8.70
CA SER A 103 -20.80 -10.29 -9.28
C SER A 103 -21.88 -9.91 -8.28
N PRO A 104 -22.05 -10.69 -7.19
CA PRO A 104 -22.91 -10.13 -6.14
C PRO A 104 -22.41 -8.77 -5.59
N ARG A 105 -21.10 -8.61 -5.45
CA ARG A 105 -20.49 -7.47 -4.76
C ARG A 105 -20.15 -6.29 -5.70
N MET A 106 -19.91 -6.57 -6.97
CA MET A 106 -19.33 -5.60 -7.89
C MET A 106 -20.10 -5.46 -9.20
N ARG A 107 -20.46 -4.22 -9.55
CA ARG A 107 -21.20 -3.89 -10.78
C ARG A 107 -20.38 -3.04 -11.77
N ALA A 108 -20.50 -3.31 -13.05
CA ALA A 108 -19.95 -2.37 -14.03
C ALA A 108 -21.07 -1.54 -14.64
N VAL A 109 -20.82 -0.24 -14.76
CA VAL A 109 -21.72 0.68 -15.47
C VAL A 109 -20.93 1.28 -16.63
N GLN A 110 -21.36 1.01 -17.85
CA GLN A 110 -20.75 1.66 -19.02
C GLN A 110 -21.30 3.08 -19.12
N GLY A 111 -20.41 4.06 -19.00
CA GLY A 111 -20.83 5.45 -19.08
C GLY A 111 -19.80 6.47 -18.61
N THR A 112 -20.28 7.70 -18.46
CA THR A 112 -19.45 8.84 -18.12
C THR A 112 -19.99 9.49 -16.86
N ALA A 113 -19.10 9.80 -15.94
CA ALA A 113 -19.46 10.66 -14.81
C ALA A 113 -19.41 12.10 -15.30
N PRO A 114 -20.42 12.91 -14.91
CA PRO A 114 -21.37 12.63 -13.84
C PRO A 114 -22.69 11.96 -14.21
N ALA A 115 -23.08 11.95 -15.49
CA ALA A 115 -24.38 11.34 -15.88
C ALA A 115 -24.60 9.92 -15.30
N ALA A 116 -23.61 9.05 -15.40
CA ALA A 116 -23.77 7.65 -14.96
C ALA A 116 -23.95 7.47 -13.45
N LEU A 117 -23.62 8.51 -12.69
CA LEU A 117 -23.70 8.51 -11.23
C LEU A 117 -25.11 8.80 -10.75
N ALA A 118 -25.92 9.40 -11.61
CA ALA A 118 -27.19 10.04 -11.20
C ALA A 118 -28.21 9.12 -10.56
N ASP A 119 -28.35 7.90 -11.07
CA ASP A 119 -29.29 6.96 -10.45
C ASP A 119 -28.66 5.93 -9.51
N LEU A 120 -27.39 6.12 -9.17
CA LEU A 120 -26.71 5.16 -8.33
C LEU A 120 -26.98 5.47 -6.88
N PRO A 121 -26.99 4.44 -6.01
CA PRO A 121 -27.10 4.71 -4.57
C PRO A 121 -25.84 5.44 -4.10
N LEU A 122 -25.97 6.29 -3.09
CA LEU A 122 -24.81 7.05 -2.57
C LEU A 122 -23.77 6.15 -1.87
N PRO A 123 -22.47 6.39 -2.14
CA PRO A 123 -21.46 5.47 -1.66
C PRO A 123 -20.99 5.87 -0.27
N GLU A 124 -20.22 4.98 0.37
CA GLU A 124 -19.51 5.30 1.61
C GLU A 124 -18.13 5.90 1.29
N ALA A 125 -17.58 5.54 0.11
CA ALA A 125 -16.32 6.08 -0.45
C ALA A 125 -16.36 6.29 -1.98
N VAL A 126 -15.60 7.27 -2.48
CA VAL A 126 -15.45 7.50 -3.96
C VAL A 126 -13.99 7.56 -4.37
N PHE A 127 -13.67 6.99 -5.52
CA PHE A 127 -12.33 7.05 -6.06
C PHE A 127 -12.41 7.61 -7.44
N ILE A 128 -11.62 8.65 -7.68
CA ILE A 128 -11.49 9.22 -9.02
C ILE A 128 -10.08 8.96 -9.55
N GLY A 129 -9.99 7.98 -10.44
CA GLY A 129 -8.86 7.84 -11.36
C GLY A 129 -9.34 8.34 -12.72
N GLY A 130 -10.66 8.45 -12.89
CA GLY A 130 -11.29 8.89 -14.13
C GLY A 130 -11.15 10.38 -14.38
N GLY A 131 -11.76 10.86 -15.47
CA GLY A 131 -11.70 12.28 -15.85
C GLY A 131 -12.30 13.18 -14.79
N GLY A 132 -11.45 13.59 -13.85
CA GLY A 132 -11.82 14.45 -12.74
C GLY A 132 -11.71 15.91 -13.11
N SER A 133 -12.86 16.54 -13.27
CA SER A 133 -12.97 17.95 -13.63
C SER A 133 -13.55 18.69 -12.44
N GLN A 134 -13.58 20.03 -12.51
CA GLN A 134 -14.19 20.85 -11.46
C GLN A 134 -15.68 20.59 -11.41
N ALA A 135 -16.28 20.36 -12.59
CA ALA A 135 -17.70 19.99 -12.72
C ALA A 135 -18.03 18.76 -11.85
N LEU A 136 -17.35 17.65 -12.15
CA LEU A 136 -17.44 16.43 -11.37
C LEU A 136 -17.37 16.65 -9.86
N TYR A 137 -16.39 17.44 -9.42
CA TYR A 137 -16.25 17.76 -8.00
C TYR A 137 -17.37 18.66 -7.42
N ASP A 138 -17.90 19.59 -8.21
CA ASP A 138 -19.00 20.42 -7.70
C ASP A 138 -20.22 19.54 -7.51
N ARG A 139 -20.51 18.72 -8.53
CA ARG A 139 -21.56 17.70 -8.46
C ARG A 139 -21.34 16.71 -7.29
N LEU A 140 -20.14 16.12 -7.19
CA LEU A 140 -19.84 15.25 -6.06
C LEU A 140 -20.08 16.01 -4.77
N TRP A 141 -19.68 17.29 -4.72
CA TRP A 141 -19.84 18.05 -3.49
C TRP A 141 -21.28 18.27 -3.05
N GLU A 142 -22.18 18.40 -4.04
CA GLU A 142 -23.61 18.61 -3.79
C GLU A 142 -24.32 17.31 -3.42
N TRP A 143 -23.91 16.21 -4.05
CA TRP A 143 -24.63 14.93 -3.93
C TRP A 143 -24.30 14.08 -2.71
N LEU A 144 -23.06 14.17 -2.27
CA LEU A 144 -22.48 13.21 -1.33
C LEU A 144 -22.88 13.45 0.10
N ALA A 145 -23.23 12.37 0.79
CA ALA A 145 -23.42 12.39 2.23
C ALA A 145 -22.16 12.95 2.92
N PRO A 146 -22.34 13.88 3.86
CA PRO A 146 -21.16 14.41 4.57
C PRO A 146 -20.42 13.27 5.27
N GLY A 147 -19.09 13.26 5.18
CA GLY A 147 -18.28 12.16 5.74
C GLY A 147 -17.92 11.03 4.78
N THR A 148 -18.39 11.14 3.54
CA THR A 148 -18.08 10.19 2.48
C THR A 148 -16.62 10.48 2.19
N ARG A 149 -15.80 9.43 2.06
CA ARG A 149 -14.39 9.61 1.82
C ARG A 149 -14.11 9.74 0.34
N ILE A 150 -13.23 10.66 -0.03
CA ILE A 150 -12.79 10.87 -1.43
C ILE A 150 -11.30 10.61 -1.60
N VAL A 151 -10.94 9.94 -2.70
CA VAL A 151 -9.54 9.68 -3.01
C VAL A 151 -9.31 9.84 -4.51
N ALA A 152 -8.36 10.69 -4.88
CA ALA A 152 -8.05 10.97 -6.28
C ALA A 152 -6.57 10.94 -6.55
N ASN A 153 -6.18 10.37 -7.69
CA ASN A 153 -4.80 10.44 -8.22
C ASN A 153 -4.71 11.41 -9.41
N ALA A 154 -3.68 12.22 -9.45
CA ALA A 154 -3.46 13.15 -10.56
C ALA A 154 -2.09 12.91 -11.19
N VAL A 155 -2.03 12.89 -12.52
CA VAL A 155 -0.72 12.76 -13.19
C VAL A 155 -0.43 13.88 -14.22
N THR A 156 -1.37 14.82 -14.39
CA THR A 156 -1.17 16.01 -15.21
C THR A 156 -1.06 17.26 -14.33
N LEU A 157 -0.37 18.28 -14.82
CA LEU A 157 -0.22 19.53 -14.07
C LEU A 157 -1.57 20.15 -13.80
N GLU A 158 -2.50 19.96 -14.75
CA GLU A 158 -3.85 20.49 -14.62
C GLU A 158 -4.68 19.80 -13.54
N SER A 159 -4.63 18.47 -13.49
CA SER A 159 -5.33 17.71 -12.44
C SER A 159 -4.64 17.80 -11.07
N GLU A 160 -3.32 17.83 -11.05
CA GLU A 160 -2.59 18.13 -9.80
C GLU A 160 -2.99 19.48 -9.20
N THR A 161 -3.10 20.53 -10.05
CA THR A 161 -3.48 21.87 -9.57
C THR A 161 -4.82 21.78 -8.85
N LEU A 162 -5.73 21.08 -9.52
CA LEU A 162 -7.08 20.82 -9.04
C LEU A 162 -7.09 20.13 -7.67
N LEU A 163 -6.28 19.10 -7.49
CA LEU A 163 -6.15 18.43 -6.19
C LEU A 163 -5.69 19.40 -5.10
N THR A 164 -4.66 20.19 -5.42
CA THR A 164 -4.13 21.20 -4.51
C THR A 164 -5.18 22.20 -4.07
N GLN A 165 -6.03 22.61 -5.02
CA GLN A 165 -7.16 23.50 -4.74
C GLN A 165 -8.19 22.83 -3.86
N LEU A 166 -8.54 21.59 -4.21
CA LEU A 166 -9.39 20.77 -3.37
C LEU A 166 -8.84 20.72 -1.97
N HIS A 167 -7.55 20.35 -1.83
CA HIS A 167 -6.86 20.39 -0.53
C HIS A 167 -6.97 21.72 0.23
N ALA A 168 -6.74 22.84 -0.45
CA ALA A 168 -6.86 24.17 0.19
C ALA A 168 -8.28 24.45 0.67
N ARG A 169 -9.28 24.07 -0.13
CA ARG A 169 -10.71 24.25 0.26
C ARG A 169 -11.14 23.31 1.37
N HIS A 170 -10.79 22.03 1.26
CA HIS A 170 -11.44 20.99 2.08
C HIS A 170 -10.56 20.30 3.11
N GLY A 171 -9.24 20.50 3.04
CA GLY A 171 -8.30 19.86 3.94
C GLY A 171 -8.00 18.42 3.52
N GLY A 172 -7.95 17.54 4.52
CA GLY A 172 -7.60 16.15 4.31
C GLY A 172 -6.11 16.05 4.08
N GLN A 173 -5.69 15.04 3.34
CA GLN A 173 -4.27 14.75 3.17
C GLN A 173 -3.92 14.90 1.70
N LEU A 174 -2.77 15.50 1.42
CA LEU A 174 -2.28 15.55 0.03
C LEU A 174 -0.83 15.02 -0.06
N LEU A 175 -0.63 13.93 -0.80
CA LEU A 175 0.67 13.29 -0.89
C LEU A 175 1.28 13.49 -2.26
N ARG A 176 2.56 13.76 -2.31
CA ARG A 176 3.28 13.70 -3.57
C ARG A 176 4.04 12.37 -3.58
N ILE A 177 3.90 11.61 -4.66
CA ILE A 177 4.42 10.25 -4.70
C ILE A 177 5.22 10.01 -5.96
N ASP A 178 6.46 9.58 -5.78
CA ASP A 178 7.31 9.21 -6.90
C ASP A 178 7.76 7.77 -6.63
N ILE A 179 7.48 6.85 -7.55
CA ILE A 179 7.96 5.47 -7.43
C ILE A 179 8.67 5.09 -8.74
N ALA A 180 9.95 4.73 -8.62
CA ALA A 180 10.67 4.14 -9.75
C ALA A 180 11.11 2.70 -9.44
N GLN A 181 11.56 2.02 -10.50
CA GLN A 181 11.89 0.60 -10.47
C GLN A 181 13.23 0.38 -11.16
N ALA A 182 14.02 -0.57 -10.65
CA ALA A 182 15.29 -0.90 -11.27
C ALA A 182 15.07 -1.59 -12.63
N GLU A 183 15.57 -0.97 -13.69
CA GLU A 183 15.39 -1.48 -15.05
C GLU A 183 16.75 -1.66 -15.69
N PRO A 184 16.90 -2.65 -16.60
CA PRO A 184 18.07 -2.73 -17.49
C PRO A 184 18.47 -1.42 -18.16
N LEU A 185 19.76 -1.30 -18.44
CA LEU A 185 20.34 -0.19 -19.22
C LEU A 185 21.65 -0.73 -19.77
N GLY A 186 21.60 -1.22 -21.00
CA GLY A 186 22.67 -2.08 -21.50
C GLY A 186 22.94 -3.20 -20.50
N ARG A 187 24.22 -3.44 -20.21
CA ARG A 187 24.62 -4.45 -19.21
C ARG A 187 24.51 -3.91 -17.77
N MET A 188 24.21 -2.61 -17.66
CA MET A 188 23.99 -1.93 -16.38
C MET A 188 22.49 -1.88 -15.97
N ARG A 189 22.25 -1.49 -14.72
CA ARG A 189 20.89 -1.16 -14.32
C ARG A 189 20.71 0.35 -14.23
N GLY A 190 19.48 0.82 -14.42
CA GLY A 190 19.10 2.21 -14.12
C GLY A 190 17.69 2.33 -13.56
N TRP A 191 17.39 3.44 -12.88
CA TRP A 191 16.03 3.69 -12.45
C TRP A 191 15.13 3.95 -13.65
N SER A 192 13.93 3.38 -13.62
CA SER A 192 12.97 3.69 -14.67
C SER A 192 12.57 5.15 -14.52
N ALA A 193 12.24 5.79 -15.63
CA ALA A 193 11.89 7.18 -15.62
C ALA A 193 10.41 7.29 -15.23
N SER A 194 10.17 7.91 -14.08
CA SER A 194 8.78 8.04 -13.56
C SER A 194 8.32 9.49 -13.45
N ARG A 195 7.01 9.68 -13.26
CA ARG A 195 6.45 10.98 -12.91
C ARG A 195 6.02 10.97 -11.47
N PRO A 196 6.16 12.10 -10.76
CA PRO A 196 5.42 12.08 -9.48
C PRO A 196 3.92 12.03 -9.77
N GLN A 197 3.15 11.51 -8.82
CA GLN A 197 1.71 11.49 -8.92
C GLN A 197 1.24 12.17 -7.65
N LEU A 198 0.20 12.98 -7.76
CA LEU A 198 -0.40 13.57 -6.56
C LEU A 198 -1.65 12.79 -6.17
N GLN A 199 -1.86 12.66 -4.87
CA GLN A 199 -3.01 11.92 -4.37
C GLN A 199 -3.65 12.69 -3.24
N TRP A 200 -4.92 13.00 -3.43
CA TRP A 200 -5.66 13.63 -2.38
C TRP A 200 -6.58 12.64 -1.71
N SER A 201 -6.71 12.81 -0.40
CA SER A 201 -7.55 11.96 0.38
C SER A 201 -8.25 12.89 1.38
N GLY A 202 -9.57 13.01 1.25
CA GLY A 202 -10.37 13.84 2.13
C GLY A 202 -11.76 13.29 2.33
N GLN A 203 -12.68 14.14 2.78
CA GLN A 203 -14.06 13.72 2.98
C GLN A 203 -15.09 14.85 2.92
N ARG A 204 -16.29 14.53 2.42
CA ARG A 204 -17.60 15.28 2.51
C ARG A 204 -18.25 15.65 1.17
N MET B 21 -12.94 0.17 11.69
CA MET B 21 -11.49 -0.20 11.48
C MET B 21 -11.20 -0.85 10.10
N SER B 22 -10.18 -0.32 9.42
CA SER B 22 -9.91 -0.67 8.04
C SER B 22 -9.45 -2.12 7.83
N GLN B 23 -9.94 -2.71 6.74
CA GLN B 23 -9.62 -4.07 6.32
C GLN B 23 -8.35 -4.19 5.50
N VAL B 24 -7.56 -3.10 5.38
CA VAL B 24 -6.33 -3.10 4.58
C VAL B 24 -5.15 -2.39 5.29
N PRO B 25 -3.91 -2.75 4.94
CA PRO B 25 -2.72 -2.06 5.50
C PRO B 25 -2.69 -0.56 5.22
N GLY B 26 -1.73 0.14 5.81
CA GLY B 26 -1.66 1.57 5.70
C GLY B 26 -2.52 2.27 6.74
N ARG B 27 -3.01 1.52 7.73
CA ARG B 27 -3.79 2.09 8.84
C ARG B 27 -3.00 3.22 9.54
N PRO B 28 -3.68 4.24 10.12
CA PRO B 28 -2.89 5.37 10.68
C PRO B 28 -1.83 4.94 11.68
N GLU B 29 -0.72 5.67 11.74
CA GLU B 29 0.23 5.57 12.87
C GLU B 29 -0.42 5.47 14.25
N SER B 30 -1.52 6.20 14.46
CA SER B 30 -2.15 6.26 15.77
C SER B 30 -3.00 5.06 16.08
N ALA B 31 -3.14 4.14 15.14
CA ALA B 31 -3.74 2.84 15.45
C ALA B 31 -2.78 1.98 16.28
N PHE B 32 -1.59 2.49 16.57
CA PHE B 32 -0.56 1.70 17.26
C PHE B 32 0.08 2.45 18.43
N ALA B 33 0.45 1.70 19.47
CA ALA B 33 1.43 2.16 20.45
C ALA B 33 2.81 2.16 19.76
N HIS B 34 3.59 3.19 20.02
CA HIS B 34 4.88 3.42 19.39
C HIS B 34 5.52 4.61 20.06
N ASP B 35 6.86 4.63 20.12
CA ASP B 35 7.55 5.90 20.44
C ASP B 35 7.70 6.63 19.12
N GLY B 36 8.67 7.54 19.02
CA GLY B 36 8.94 8.17 17.74
C GLY B 36 9.75 7.27 16.81
N GLN B 37 9.28 6.03 16.57
CA GLN B 37 9.87 5.12 15.57
C GLN B 37 8.84 4.08 15.12
N ILE B 38 8.37 4.26 13.89
CA ILE B 38 7.27 3.48 13.34
C ILE B 38 7.26 3.68 11.83
N THR B 39 7.07 2.59 11.08
CA THR B 39 6.90 2.70 9.64
C THR B 39 5.67 3.58 9.41
N LYS B 40 5.86 4.66 8.62
CA LYS B 40 4.78 5.62 8.33
C LYS B 40 3.78 4.92 7.44
N SER B 41 2.50 5.29 7.53
CA SER B 41 1.41 4.52 6.91
C SER B 41 1.59 4.22 5.42
N PRO B 42 1.98 5.23 4.62
CA PRO B 42 2.06 4.87 3.21
C PRO B 42 3.19 3.87 2.93
N MET B 43 4.32 4.01 3.61
CA MET B 43 5.42 3.05 3.45
C MET B 43 4.99 1.64 3.81
N ARG B 44 4.28 1.53 4.93
CA ARG B 44 3.75 0.27 5.43
C ARG B 44 2.74 -0.37 4.50
N ALA B 45 1.94 0.44 3.80
CA ALA B 45 1.05 -0.07 2.74
C ALA B 45 1.86 -0.72 1.64
N LEU B 46 2.87 -0.01 1.15
CA LEU B 46 3.87 -0.55 0.18
C LEU B 46 4.56 -1.84 0.69
N THR B 47 5.05 -1.81 1.92
CA THR B 47 5.77 -2.92 2.48
C THR B 47 4.88 -4.18 2.49
N LEU B 48 3.65 -4.06 3.02
CA LEU B 48 2.73 -5.22 3.02
C LEU B 48 2.31 -5.70 1.66
N ALA B 49 2.15 -4.79 0.71
CA ALA B 49 1.96 -5.18 -0.68
C ALA B 49 3.05 -6.13 -1.18
N ALA B 50 4.31 -5.82 -0.85
CA ALA B 50 5.47 -6.60 -1.27
C ALA B 50 5.62 -7.89 -0.48
N LEU B 51 5.33 -7.86 0.82
CA LEU B 51 5.37 -9.08 1.64
C LEU B 51 4.35 -10.12 1.17
N ALA B 52 3.20 -9.64 0.67
CA ALA B 52 2.09 -10.46 0.14
C ALA B 52 1.60 -11.63 1.05
N PRO B 53 1.22 -11.32 2.29
CA PRO B 53 0.79 -12.41 3.20
C PRO B 53 -0.36 -13.26 2.66
N ARG B 54 -0.23 -14.58 2.77
CA ARG B 54 -1.33 -15.52 2.61
C ARG B 54 -1.73 -15.99 4.02
N ARG B 55 -2.91 -16.57 4.15
CA ARG B 55 -3.44 -16.90 5.47
C ARG B 55 -2.60 -17.98 6.20
N GLY B 56 -2.26 -17.73 7.45
CA GLY B 56 -1.45 -18.65 8.24
C GLY B 56 0.06 -18.64 8.00
N GLU B 57 0.54 -17.82 7.08
CA GLU B 57 1.97 -17.74 6.77
C GLU B 57 2.81 -17.12 7.89
N LEU B 58 4.02 -17.64 8.10
CA LEU B 58 4.91 -17.04 9.10
C LEU B 58 5.81 -15.91 8.54
N LEU B 59 5.99 -14.87 9.36
CA LEU B 59 6.90 -13.79 9.07
C LEU B 59 7.89 -13.55 10.22
N TRP B 60 9.18 -13.45 9.89
CA TRP B 60 10.13 -12.83 10.82
C TRP B 60 10.22 -11.35 10.48
N ASP B 61 9.85 -10.51 11.44
CA ASP B 61 9.97 -9.05 11.37
C ASP B 61 11.22 -8.66 12.17
N ILE B 62 12.35 -8.63 11.46
CA ILE B 62 13.62 -8.20 12.02
C ILE B 62 13.66 -6.69 11.94
N GLY B 63 13.98 -6.08 13.06
CA GLY B 63 13.80 -4.65 13.23
C GLY B 63 12.80 -4.58 14.36
N GLY B 64 11.53 -4.80 14.04
CA GLY B 64 10.50 -4.74 15.07
C GLY B 64 9.97 -3.33 15.27
N GLY B 65 10.63 -2.56 16.13
CA GLY B 65 10.21 -1.17 16.44
C GLY B 65 8.94 -1.17 17.26
N SER B 66 7.83 -0.74 16.65
CA SER B 66 6.51 -0.78 17.29
C SER B 66 5.79 -2.06 16.89
N GLY B 67 6.38 -2.79 15.96
CA GLY B 67 5.80 -4.01 15.44
C GLY B 67 4.64 -3.78 14.49
N SER B 68 4.46 -2.54 14.05
CA SER B 68 3.32 -2.21 13.20
C SER B 68 3.25 -3.04 11.91
N VAL B 69 4.39 -3.45 11.35
CA VAL B 69 4.38 -4.18 10.10
C VAL B 69 3.84 -5.56 10.41
N SER B 70 4.21 -6.06 11.58
CA SER B 70 3.80 -7.39 12.02
C SER B 70 2.29 -7.39 12.23
N VAL B 71 1.83 -6.37 12.94
CA VAL B 71 0.42 -6.18 13.21
C VAL B 71 -0.42 -6.21 11.92
N GLU B 72 -0.05 -5.45 10.91
CA GLU B 72 -0.78 -5.53 9.65
C GLU B 72 -0.62 -6.89 8.96
N TRP B 73 0.53 -7.53 9.11
CA TRP B 73 0.74 -8.88 8.55
C TRP B 73 -0.25 -9.87 9.18
N CYS B 74 -0.38 -9.81 10.51
CA CYS B 74 -1.30 -10.66 11.25
C CYS B 74 -2.79 -10.32 10.99
N LEU B 75 -3.14 -9.04 10.95
CA LEU B 75 -4.51 -8.65 10.60
C LEU B 75 -4.88 -9.11 9.17
N ALA B 76 -3.90 -9.31 8.29
CA ALA B 76 -4.18 -9.90 6.98
C ALA B 76 -4.31 -11.43 7.07
N GLY B 77 -4.21 -11.97 8.29
CA GLY B 77 -4.36 -13.38 8.52
C GLY B 77 -3.07 -14.18 8.68
N GLY B 78 -1.95 -13.50 8.85
CA GLY B 78 -0.65 -14.17 9.00
C GLY B 78 -0.23 -14.41 10.45
N ARG B 79 0.79 -15.25 10.63
CA ARG B 79 1.43 -15.39 11.94
C ARG B 79 2.78 -14.70 11.85
N ALA B 80 3.19 -14.02 12.92
CA ALA B 80 4.46 -13.29 12.94
C ALA B 80 5.24 -13.36 14.25
N ILE B 81 6.56 -13.56 14.12
CA ILE B 81 7.53 -13.32 15.21
C ILE B 81 8.28 -11.99 14.92
N THR B 82 8.37 -11.13 15.94
CA THR B 82 8.86 -9.75 15.80
C THR B 82 10.07 -9.52 16.74
N ILE B 83 11.28 -9.53 16.19
CA ILE B 83 12.50 -9.43 16.98
C ILE B 83 12.93 -7.98 17.19
N GLU B 84 13.27 -7.63 18.43
CA GLU B 84 13.63 -6.26 18.77
C GLU B 84 14.47 -6.21 20.05
N PRO B 85 15.66 -5.55 20.02
CA PRO B 85 16.52 -5.48 21.21
C PRO B 85 15.94 -4.61 22.32
N ARG B 86 15.60 -3.37 21.99
CA ARG B 86 15.22 -2.38 22.99
C ARG B 86 13.99 -2.77 23.81
N ALA B 87 14.12 -2.74 25.14
CA ALA B 87 13.01 -3.05 26.04
C ALA B 87 11.77 -2.14 25.90
N ASP B 88 11.97 -0.82 25.81
CA ASP B 88 10.86 0.13 25.67
C ASP B 88 9.98 -0.14 24.46
N ARG B 89 10.63 -0.42 23.32
CA ARG B 89 9.98 -0.81 22.08
C ARG B 89 9.17 -2.12 22.18
N ILE B 90 9.66 -3.08 22.97
CA ILE B 90 9.03 -4.40 23.13
C ILE B 90 7.69 -4.29 23.89
N GLU B 91 7.63 -3.35 24.84
CA GLU B 91 6.40 -3.02 25.55
C GLU B 91 5.36 -2.54 24.54
N ASN B 92 5.74 -1.62 23.64
CA ASN B 92 4.85 -1.11 22.58
C ASN B 92 4.38 -2.23 21.68
N ILE B 93 5.31 -3.06 21.19
CA ILE B 93 4.97 -4.25 20.42
C ILE B 93 3.91 -5.08 21.13
N GLN B 94 4.11 -5.32 22.43
CA GLN B 94 3.24 -6.20 23.23
C GLN B 94 1.84 -5.60 23.42
N LYS B 95 1.78 -4.30 23.76
CA LYS B 95 0.51 -3.56 23.79
C LYS B 95 -0.25 -3.74 22.48
N ASN B 96 0.46 -3.68 21.34
CA ASN B 96 -0.18 -3.87 20.03
C ASN B 96 -0.67 -5.30 19.77
N ILE B 97 -0.03 -6.29 20.39
CA ILE B 97 -0.52 -7.67 20.28
C ILE B 97 -1.86 -7.84 21.06
N ASP B 98 -1.89 -7.29 22.27
CA ASP B 98 -3.04 -7.33 23.15
C ASP B 98 -4.18 -6.54 22.51
N THR B 99 -3.92 -5.27 22.18
CA THR B 99 -4.92 -4.42 21.54
C THR B 99 -5.62 -5.08 20.35
N TYR B 100 -4.91 -5.87 19.56
CA TYR B 100 -5.51 -6.49 18.37
C TYR B 100 -5.85 -7.94 18.57
N GLY B 101 -5.78 -8.38 19.84
CA GLY B 101 -6.11 -9.74 20.23
C GLY B 101 -5.34 -10.67 19.34
N LEU B 102 -4.02 -10.56 19.38
CA LEU B 102 -3.21 -11.26 18.40
C LEU B 102 -2.44 -12.47 18.90
N SER B 103 -2.33 -12.61 20.23
CA SER B 103 -1.83 -13.86 20.81
C SER B 103 -2.64 -15.06 20.26
N PRO B 104 -1.97 -16.17 19.89
CA PRO B 104 -0.52 -16.32 19.97
C PRO B 104 0.09 -16.18 18.56
N ARG B 105 -0.76 -15.87 17.57
CA ARG B 105 -0.38 -15.57 16.17
C ARG B 105 0.82 -14.61 16.05
N MET B 106 0.98 -13.70 17.01
CA MET B 106 2.15 -12.83 17.04
C MET B 106 2.88 -12.92 18.40
N ARG B 107 4.20 -13.11 18.34
CA ARG B 107 5.07 -13.19 19.51
C ARG B 107 6.10 -12.08 19.48
N ALA B 108 6.21 -11.31 20.56
CA ALA B 108 7.34 -10.41 20.72
C ALA B 108 8.55 -11.22 21.20
N VAL B 109 9.72 -10.94 20.64
CA VAL B 109 10.99 -11.55 21.10
C VAL B 109 12.07 -10.50 21.29
N GLN B 110 12.55 -10.38 22.51
CA GLN B 110 13.59 -9.43 22.82
C GLN B 110 14.95 -10.02 22.54
N GLY B 111 15.60 -9.53 21.50
CA GLY B 111 16.93 -9.99 21.15
C GLY B 111 17.49 -9.22 19.97
N THR B 112 18.55 -9.78 19.39
CA THR B 112 19.31 -9.06 18.40
C THR B 112 19.69 -10.06 17.31
N ALA B 113 19.25 -9.78 16.09
CA ALA B 113 19.51 -10.60 14.91
C ALA B 113 20.93 -10.36 14.39
N PRO B 114 21.60 -11.42 13.87
CA PRO B 114 21.12 -12.77 13.62
C PRO B 114 21.02 -13.69 14.84
N ALA B 115 21.86 -13.48 15.85
CA ALA B 115 21.88 -14.32 17.06
C ALA B 115 20.50 -14.74 17.55
N ALA B 116 19.58 -13.77 17.66
CA ALA B 116 18.23 -14.01 18.21
C ALA B 116 17.31 -14.88 17.35
N LEU B 117 17.76 -15.25 16.16
CA LEU B 117 16.95 -16.08 15.26
C LEU B 117 17.40 -17.52 15.22
N ALA B 118 18.30 -17.89 16.11
CA ALA B 118 18.89 -19.23 16.12
C ALA B 118 17.83 -20.29 16.46
N ASP B 119 17.15 -20.12 17.60
CA ASP B 119 16.08 -21.02 18.02
C ASP B 119 14.67 -20.47 17.66
N LEU B 120 14.38 -20.42 16.35
CA LEU B 120 13.05 -20.01 15.85
C LEU B 120 12.64 -20.85 14.63
N PRO B 121 11.34 -21.20 14.54
CA PRO B 121 10.85 -21.96 13.40
C PRO B 121 11.02 -21.22 12.07
N LEU B 122 11.32 -21.96 11.01
CA LEU B 122 11.58 -21.37 9.70
C LEU B 122 10.35 -20.65 9.12
N PRO B 123 10.55 -19.46 8.51
CA PRO B 123 9.38 -18.73 8.06
C PRO B 123 9.15 -18.83 6.56
N GLU B 124 7.99 -18.36 6.11
CA GLU B 124 7.70 -18.19 4.70
C GLU B 124 8.16 -16.81 4.21
N ALA B 125 8.23 -15.83 5.11
CA ALA B 125 8.63 -14.48 4.72
C ALA B 125 9.44 -13.76 5.78
N VAL B 126 10.29 -12.84 5.32
CA VAL B 126 11.20 -12.08 6.19
C VAL B 126 11.14 -10.60 5.86
N PHE B 127 11.01 -9.76 6.87
CA PHE B 127 11.02 -8.32 6.67
C PHE B 127 12.17 -7.73 7.45
N ILE B 128 13.04 -7.07 6.71
CA ILE B 128 14.16 -6.38 7.34
C ILE B 128 13.83 -4.90 7.42
N GLY B 129 13.18 -4.56 8.53
CA GLY B 129 12.91 -3.19 8.88
C GLY B 129 14.23 -2.57 9.22
N GLY B 130 14.83 -3.05 10.30
CA GLY B 130 16.12 -2.57 10.80
C GLY B 130 17.13 -3.67 11.10
N GLY B 131 18.39 -3.30 11.29
CA GLY B 131 19.51 -4.24 11.56
C GLY B 131 20.16 -4.93 10.36
N GLY B 132 19.96 -4.38 9.15
CA GLY B 132 20.35 -5.06 7.91
C GLY B 132 21.79 -4.94 7.45
N SER B 133 22.65 -5.80 7.99
CA SER B 133 24.06 -5.88 7.62
C SER B 133 24.31 -7.11 6.77
N GLN B 134 25.54 -7.25 6.25
CA GLN B 134 25.99 -8.44 5.51
C GLN B 134 25.98 -9.70 6.32
N ALA B 135 26.33 -9.58 7.60
CA ALA B 135 26.32 -10.72 8.51
C ALA B 135 24.92 -11.29 8.59
N LEU B 136 23.92 -10.41 8.74
CA LEU B 136 22.53 -10.82 8.69
C LEU B 136 22.24 -11.59 7.40
N TYR B 137 22.52 -10.98 6.25
CA TYR B 137 22.24 -11.62 4.97
C TYR B 137 23.05 -12.88 4.67
N ASP B 138 24.21 -13.07 5.30
CA ASP B 138 24.99 -14.32 5.14
C ASP B 138 24.29 -15.43 5.90
N ARG B 139 24.03 -15.19 7.19
CA ARG B 139 23.21 -16.06 8.05
C ARG B 139 21.85 -16.40 7.45
N LEU B 140 21.13 -15.41 6.92
CA LEU B 140 19.82 -15.67 6.33
C LEU B 140 19.93 -16.67 5.18
N TRP B 141 20.94 -16.53 4.34
CA TRP B 141 21.08 -17.44 3.23
C TRP B 141 21.49 -18.85 3.71
N GLU B 142 22.05 -18.90 4.90
CA GLU B 142 22.55 -20.10 5.51
C GLU B 142 21.43 -20.84 6.25
N TRP B 143 20.49 -20.08 6.81
CA TRP B 143 19.43 -20.59 7.69
C TRP B 143 18.07 -20.81 7.08
N LEU B 144 17.78 -20.16 5.95
CA LEU B 144 16.42 -20.11 5.37
C LEU B 144 16.21 -21.05 4.20
N ALA B 145 15.04 -21.71 4.20
CA ALA B 145 14.64 -22.57 3.10
C ALA B 145 14.59 -21.77 1.80
N PRO B 146 15.21 -22.27 0.72
CA PRO B 146 15.11 -21.61 -0.60
C PRO B 146 13.68 -21.21 -0.95
N GLY B 147 13.52 -20.06 -1.60
CA GLY B 147 12.19 -19.54 -1.93
C GLY B 147 11.43 -18.84 -0.81
N THR B 148 12.05 -18.68 0.37
CA THR B 148 11.53 -17.85 1.46
C THR B 148 11.58 -16.42 0.98
N ARG B 149 10.47 -15.68 1.12
CA ARG B 149 10.42 -14.31 0.58
C ARG B 149 11.13 -13.32 1.49
N ILE B 150 11.93 -12.43 0.90
CA ILE B 150 12.57 -11.32 1.63
C ILE B 150 12.05 -9.95 1.17
N VAL B 151 11.76 -9.08 2.12
CA VAL B 151 11.47 -7.69 1.80
C VAL B 151 12.29 -6.78 2.73
N ALA B 152 12.98 -5.79 2.15
CA ALA B 152 13.84 -4.89 2.95
C ALA B 152 13.69 -3.43 2.55
N ASN B 153 13.67 -2.54 3.55
CA ASN B 153 13.64 -1.10 3.35
C ASN B 153 14.98 -0.51 3.80
N ALA B 154 15.52 0.40 3.02
CA ALA B 154 16.78 1.02 3.37
C ALA B 154 16.64 2.53 3.29
N VAL B 155 17.14 3.21 4.33
CA VAL B 155 17.15 4.69 4.37
C VAL B 155 18.55 5.32 4.36
N THR B 156 19.57 4.57 4.74
CA THR B 156 20.96 5.07 4.64
C THR B 156 21.59 4.72 3.30
N LEU B 157 22.68 5.38 2.94
CA LEU B 157 23.34 5.12 1.66
C LEU B 157 24.02 3.76 1.65
N GLU B 158 24.51 3.34 2.83
CA GLU B 158 25.15 2.02 2.99
C GLU B 158 24.16 0.87 2.86
N SER B 159 23.01 1.00 3.54
CA SER B 159 21.89 0.06 3.39
C SER B 159 21.41 0.00 1.94
N GLU B 160 21.45 1.13 1.26
CA GLU B 160 21.04 1.20 -0.13
C GLU B 160 21.97 0.46 -1.08
N THR B 161 23.28 0.57 -0.90
CA THR B 161 24.19 -0.16 -1.80
C THR B 161 24.04 -1.68 -1.52
N LEU B 162 23.90 -2.04 -0.26
CA LEU B 162 23.59 -3.41 0.12
C LEU B 162 22.36 -3.98 -0.60
N LEU B 163 21.25 -3.26 -0.57
CA LEU B 163 20.04 -3.70 -1.28
C LEU B 163 20.29 -3.73 -2.77
N THR B 164 21.11 -2.82 -3.27
CA THR B 164 21.48 -2.79 -4.69
C THR B 164 22.34 -4.01 -5.11
N GLN B 165 23.26 -4.41 -4.25
CA GLN B 165 24.10 -5.60 -4.50
C GLN B 165 23.28 -6.88 -4.45
N LEU B 166 22.44 -7.01 -3.42
CA LEU B 166 21.47 -8.09 -3.31
C LEU B 166 20.60 -8.25 -4.54
N HIS B 167 20.28 -7.13 -5.18
CA HIS B 167 19.44 -7.13 -6.36
C HIS B 167 20.23 -7.56 -7.60
N ALA B 168 21.53 -7.20 -7.61
CA ALA B 168 22.49 -7.67 -8.62
C ALA B 168 22.66 -9.18 -8.53
N ARG B 169 23.03 -9.67 -7.34
CA ARG B 169 23.19 -11.09 -7.05
C ARG B 169 21.89 -11.92 -7.33
N HIS B 170 20.76 -11.56 -6.74
CA HIS B 170 19.57 -12.43 -6.72
C HIS B 170 18.30 -11.98 -7.41
N GLY B 171 18.36 -10.88 -8.16
CA GLY B 171 17.18 -10.31 -8.82
C GLY B 171 16.11 -9.81 -7.87
N GLY B 172 14.86 -9.91 -8.34
CA GLY B 172 13.72 -9.44 -7.59
C GLY B 172 13.31 -8.07 -8.11
N GLN B 173 12.50 -7.40 -7.31
CA GLN B 173 12.12 -6.04 -7.62
C GLN B 173 12.84 -5.10 -6.66
N LEU B 174 13.42 -4.05 -7.24
CA LEU B 174 14.06 -2.97 -6.45
C LEU B 174 13.35 -1.65 -6.76
N LEU B 175 12.68 -1.07 -5.75
CA LEU B 175 11.98 0.19 -5.94
C LEU B 175 12.64 1.31 -5.17
N ARG B 176 12.65 2.50 -5.78
CA ARG B 176 12.98 3.77 -5.13
C ARG B 176 11.67 4.53 -4.86
N ILE B 177 11.45 4.85 -3.58
CA ILE B 177 10.17 5.38 -3.13
C ILE B 177 10.38 6.75 -2.51
N ASP B 178 9.67 7.74 -3.04
CA ASP B 178 9.60 9.06 -2.43
C ASP B 178 8.14 9.41 -2.17
N ILE B 179 7.82 9.73 -0.92
CA ILE B 179 6.50 10.22 -0.57
C ILE B 179 6.64 11.47 0.30
N ALA B 180 5.98 12.56 -0.11
CA ALA B 180 5.84 13.73 0.77
C ALA B 180 4.37 14.09 1.02
N GLN B 181 4.15 14.83 2.10
CA GLN B 181 2.85 15.37 2.51
C GLN B 181 2.78 16.87 2.29
N ALA B 182 1.58 17.40 2.07
CA ALA B 182 1.36 18.84 2.05
C ALA B 182 1.19 19.29 3.49
N GLU B 183 1.78 20.43 3.85
CA GLU B 183 1.74 20.92 5.22
C GLU B 183 1.91 22.45 5.31
N PRO B 184 1.55 23.05 6.48
CA PRO B 184 1.58 24.52 6.72
C PRO B 184 2.97 25.16 6.60
N LEU B 185 3.01 26.45 6.22
CA LEU B 185 4.25 27.15 5.82
C LEU B 185 4.08 28.62 5.32
N GLY B 186 3.69 29.61 6.14
CA GLY B 186 2.94 29.45 7.37
C GLY B 186 1.53 29.93 7.04
N ARG B 187 1.40 30.87 6.10
CA ARG B 187 0.10 31.22 5.52
C ARG B 187 -0.11 30.41 4.24
N MET B 188 0.93 29.68 3.83
CA MET B 188 0.89 28.84 2.65
C MET B 188 1.12 27.39 3.02
N ARG B 189 1.26 26.58 1.99
CA ARG B 189 1.57 25.16 2.18
C ARG B 189 2.90 24.81 1.54
N GLY B 190 3.64 23.90 2.17
CA GLY B 190 4.81 23.31 1.53
C GLY B 190 4.78 21.80 1.44
N TRP B 191 5.64 21.23 0.63
CA TRP B 191 5.88 19.79 0.73
C TRP B 191 6.80 19.50 1.93
N SER B 192 6.37 18.58 2.80
CA SER B 192 7.21 18.13 3.92
C SER B 192 8.56 17.61 3.42
N ALA B 193 9.63 17.97 4.12
CA ALA B 193 10.98 17.54 3.76
C ALA B 193 11.08 15.99 3.73
N SER B 194 11.38 15.42 2.57
CA SER B 194 11.31 13.95 2.40
C SER B 194 12.64 13.26 2.07
N ARG B 195 12.80 12.01 2.53
CA ARG B 195 13.96 11.16 2.12
C ARG B 195 13.47 10.04 1.24
N PRO B 196 14.18 9.74 0.15
CA PRO B 196 13.74 8.55 -0.58
C PRO B 196 14.09 7.30 0.23
N GLN B 197 13.44 6.19 -0.09
CA GLN B 197 13.78 4.91 0.47
C GLN B 197 13.85 3.92 -0.65
N LEU B 198 14.84 3.03 -0.56
CA LEU B 198 14.92 1.84 -1.40
C LEU B 198 14.23 0.68 -0.69
N GLN B 199 13.52 -0.11 -1.50
CA GLN B 199 12.92 -1.35 -1.06
C GLN B 199 13.24 -2.48 -2.01
N TRP B 200 13.78 -3.56 -1.45
CA TRP B 200 14.06 -4.75 -2.22
C TRP B 200 13.03 -5.83 -1.92
N SER B 201 12.51 -6.45 -2.96
CA SER B 201 11.54 -7.52 -2.82
C SER B 201 11.99 -8.72 -3.59
N GLY B 202 12.50 -9.71 -2.87
CA GLY B 202 13.04 -10.91 -3.55
C GLY B 202 12.85 -12.20 -2.80
N GLN B 203 13.68 -13.19 -3.14
CA GLN B 203 13.64 -14.52 -2.50
C GLN B 203 15.00 -15.14 -2.08
N ARG B 204 14.94 -15.98 -1.04
CA ARG B 204 15.87 -17.12 -0.79
C ARG B 204 16.67 -17.08 0.53
#